data_8PY1
#
_entry.id   8PY1
#
_cell.length_a   103.768
_cell.length_b   103.768
_cell.length_c   220.404
_cell.angle_alpha   90.00
_cell.angle_beta   90.00
_cell.angle_gamma   90.00
#
_symmetry.space_group_name_H-M   'I 41 2 2'
#
loop_
_entity.id
_entity.type
_entity.pdbx_description
1 polymer 'Methyl-accepting chemotaxis protein'
2 non-polymer 'FORMIC ACID'
3 non-polymer 'SULFATE ION'
4 water water
#
_entity_poly.entity_id   1
_entity_poly.type   'polypeptide(L)'
_entity_poly.pdbx_seq_one_letter_code
;MMGSSHHHHHHSSGLVPRGSHMQMRADTASTALKYQHSALRVASATLHRQFPDTSVEWAPDGNVQKVVMDTVPTFTDHAM
IDEIARVSGQQATLFAFDPAQDDFIRTTTSITKPDGSRAVGTNLGQDSKAFAPIKAGKTYLGKADILGTSYYTIYAPVFN
TRGDVTGILFSGVKTATVQEAANA
;
_entity_poly.pdbx_strand_id   A,B,C
#
# COMPACT_ATOMS: atom_id res chain seq x y z
N THR A 28 20.57 -39.64 -5.54
CA THR A 28 20.02 -39.64 -6.89
C THR A 28 19.40 -38.30 -7.23
N ALA A 29 19.05 -38.12 -8.51
CA ALA A 29 18.49 -36.84 -8.95
C ALA A 29 17.14 -36.59 -8.32
N SER A 30 16.21 -37.56 -8.44
CA SER A 30 14.87 -37.39 -7.88
C SER A 30 14.94 -37.17 -6.36
N THR A 31 15.84 -37.87 -5.69
CA THR A 31 15.96 -37.71 -4.24
C THR A 31 16.46 -36.32 -3.87
N ALA A 32 17.48 -35.83 -4.57
CA ALA A 32 18.02 -34.50 -4.27
C ALA A 32 17.01 -33.41 -4.57
N LEU A 33 16.27 -33.54 -5.68
CA LEU A 33 15.28 -32.52 -6.03
C LEU A 33 14.13 -32.51 -5.03
N LYS A 34 13.67 -33.69 -4.60
CA LYS A 34 12.63 -33.76 -3.59
C LYS A 34 13.08 -33.11 -2.28
N TYR A 35 14.38 -33.22 -1.98
CA TYR A 35 14.90 -32.62 -0.74
C TYR A 35 14.85 -31.10 -0.77
N GLN A 36 14.90 -30.50 -1.97
CA GLN A 36 15.00 -29.04 -2.06
C GLN A 36 13.79 -28.35 -1.43
N HIS A 37 12.63 -29.02 -1.38
CA HIS A 37 11.49 -28.45 -0.69
C HIS A 37 11.79 -28.24 0.80
N SER A 38 12.50 -29.19 1.41
CA SER A 38 12.87 -29.04 2.81
C SER A 38 13.86 -27.90 3.00
N ALA A 39 14.84 -27.79 2.09
CA ALA A 39 15.84 -26.73 2.20
C ALA A 39 15.20 -25.36 2.06
N LEU A 40 14.19 -25.23 1.20
CA LEU A 40 13.51 -23.96 1.04
C LEU A 40 12.76 -23.58 2.33
N ARG A 41 12.23 -24.58 3.04
CA ARG A 41 11.59 -24.30 4.32
C ARG A 41 12.60 -23.76 5.32
N VAL A 42 13.80 -24.35 5.36
CA VAL A 42 14.87 -23.84 6.22
C VAL A 42 15.20 -22.40 5.84
N ALA A 43 15.40 -22.14 4.54
CA ALA A 43 15.81 -20.81 4.09
C ALA A 43 14.72 -19.78 4.35
N SER A 44 13.47 -20.13 4.10
CA SER A 44 12.38 -19.15 4.24
C SER A 44 12.13 -18.82 5.70
N ALA A 45 12.16 -19.83 6.58
CA ALA A 45 11.90 -19.57 7.99
C ALA A 45 13.05 -18.78 8.63
N THR A 46 14.29 -19.08 8.25
CA THR A 46 15.42 -18.34 8.78
C THR A 46 15.43 -16.90 8.27
N LEU A 47 15.12 -16.71 6.98
CA LEU A 47 14.99 -15.36 6.44
C LEU A 47 13.97 -14.54 7.22
N HIS A 48 12.83 -15.14 7.55
CA HIS A 48 11.78 -14.41 8.26
C HIS A 48 12.22 -14.06 9.68
N ARG A 49 13.03 -14.90 10.31
CA ARG A 49 13.51 -14.58 11.66
C ARG A 49 14.56 -13.48 11.63
N GLN A 50 15.41 -13.47 10.59
CA GLN A 50 16.39 -12.40 10.45
C GLN A 50 15.74 -11.09 10.07
N PHE A 51 14.73 -11.14 9.21
CA PHE A 51 14.00 -9.95 8.74
C PHE A 51 12.53 -10.12 9.09
N PRO A 52 12.12 -9.71 10.30
CA PRO A 52 10.72 -9.93 10.72
C PRO A 52 9.70 -9.20 9.87
N ASP A 53 10.09 -8.15 9.16
CA ASP A 53 9.16 -7.44 8.30
C ASP A 53 8.78 -8.22 7.04
N THR A 54 9.40 -9.38 6.81
CA THR A 54 9.04 -10.21 5.69
C THR A 54 7.76 -10.99 6.00
N SER A 55 7.28 -11.73 5.00
CA SER A 55 6.11 -12.58 5.15
C SER A 55 6.34 -13.87 4.38
N VAL A 56 6.05 -14.99 5.03
CA VAL A 56 6.12 -16.31 4.41
C VAL A 56 4.74 -16.93 4.50
N GLU A 57 4.13 -17.20 3.35
CA GLU A 57 2.88 -17.93 3.28
C GLU A 57 3.19 -19.41 3.06
N TRP A 58 2.58 -20.26 3.88
CA TRP A 58 2.85 -21.70 3.86
C TRP A 58 1.64 -22.44 3.30
N ALA A 59 1.91 -23.44 2.46
CA ALA A 59 0.86 -24.27 1.92
C ALA A 59 0.30 -25.17 3.01
N PRO A 60 -0.91 -25.72 2.82
CA PRO A 60 -1.48 -26.61 3.85
C PRO A 60 -0.60 -27.80 4.19
N ASP A 61 0.23 -28.26 3.25
CA ASP A 61 1.10 -29.41 3.49
C ASP A 61 2.44 -29.02 4.12
N GLY A 62 2.59 -27.78 4.57
CA GLY A 62 3.79 -27.36 5.27
C GLY A 62 4.87 -26.77 4.41
N ASN A 63 4.77 -26.89 3.08
CA ASN A 63 5.79 -26.33 2.20
C ASN A 63 5.58 -24.84 2.02
N VAL A 64 6.64 -24.18 1.56
CA VAL A 64 6.58 -22.73 1.33
C VAL A 64 5.72 -22.46 0.11
N GLN A 65 4.82 -21.48 0.22
CA GLN A 65 3.93 -21.08 -0.86
C GLN A 65 4.35 -19.76 -1.49
N LYS A 66 4.75 -18.77 -0.69
CA LYS A 66 5.08 -17.45 -1.20
C LYS A 66 5.96 -16.74 -0.18
N VAL A 67 7.00 -16.07 -0.67
CA VAL A 67 7.89 -15.26 0.16
C VAL A 67 7.72 -13.81 -0.26
N VAL A 68 7.47 -12.95 0.72
CA VAL A 68 7.21 -11.53 0.48
C VAL A 68 8.28 -10.72 1.18
N MET A 69 9.06 -9.98 0.41
CA MET A 69 10.08 -9.09 0.95
C MET A 69 10.16 -7.87 0.03
N ASP A 70 9.82 -6.70 0.57
CA ASP A 70 9.67 -5.51 -0.26
C ASP A 70 10.97 -5.14 -0.94
N THR A 71 12.06 -5.08 -0.19
CA THR A 71 13.36 -4.71 -0.72
C THR A 71 14.39 -5.72 -0.24
N VAL A 72 15.03 -6.42 -1.18
CA VAL A 72 16.12 -7.33 -0.85
C VAL A 72 17.38 -6.48 -0.68
N PRO A 73 17.95 -6.43 0.52
CA PRO A 73 19.03 -5.49 0.78
C PRO A 73 20.41 -6.02 0.40
N THR A 74 21.39 -5.12 0.43
CA THR A 74 22.79 -5.50 0.35
C THR A 74 23.29 -5.92 1.72
N PHE A 75 24.20 -6.89 1.74
CA PHE A 75 24.67 -7.51 2.97
C PHE A 75 26.14 -7.22 3.19
N THR A 76 26.48 -6.81 4.42
CA THR A 76 27.87 -6.77 4.86
C THR A 76 28.22 -7.98 5.72
N ASP A 77 27.24 -8.57 6.38
CA ASP A 77 27.43 -9.74 7.22
C ASP A 77 26.67 -10.91 6.61
N HIS A 78 27.33 -12.06 6.48
CA HIS A 78 26.79 -13.22 5.79
C HIS A 78 26.59 -14.40 6.73
N ALA A 79 26.33 -14.14 8.01
CA ALA A 79 26.16 -15.24 8.96
C ALA A 79 24.85 -15.96 8.74
N MET A 80 23.80 -15.23 8.32
CA MET A 80 22.50 -15.85 8.09
C MET A 80 22.57 -16.91 6.99
N ILE A 81 23.16 -16.56 5.85
CA ILE A 81 23.18 -17.48 4.71
C ILE A 81 24.08 -18.68 5.02
N ASP A 82 25.14 -18.47 5.79
CA ASP A 82 25.97 -19.60 6.19
C ASP A 82 25.25 -20.49 7.19
N GLU A 83 24.41 -19.91 8.04
CA GLU A 83 23.57 -20.70 8.93
C GLU A 83 22.58 -21.54 8.12
N ILE A 84 21.96 -20.94 7.11
CA ILE A 84 21.03 -21.67 6.26
C ILE A 84 21.75 -22.81 5.54
N ALA A 85 22.98 -22.55 5.10
CA ALA A 85 23.77 -23.58 4.43
C ALA A 85 24.12 -24.72 5.39
N ARG A 86 24.55 -24.37 6.61
CA ARG A 86 24.96 -25.41 7.55
C ARG A 86 23.78 -26.24 8.01
N VAL A 87 22.64 -25.60 8.26
CA VAL A 87 21.45 -26.33 8.71
C VAL A 87 20.92 -27.24 7.61
N SER A 88 20.78 -26.70 6.40
CA SER A 88 20.26 -27.50 5.29
C SER A 88 21.26 -28.50 4.77
N GLY A 89 22.55 -28.35 5.08
CA GLY A 89 23.56 -29.25 4.59
C GLY A 89 23.95 -29.04 3.15
N GLN A 90 23.58 -27.90 2.55
CA GLN A 90 23.96 -27.61 1.17
C GLN A 90 24.18 -26.12 0.99
N GLN A 91 23.85 -25.57 -0.18
CA GLN A 91 24.11 -24.17 -0.49
C GLN A 91 22.83 -23.37 -0.56
N ALA A 92 22.96 -22.06 -0.34
CA ALA A 92 21.80 -21.17 -0.33
C ALA A 92 22.21 -19.78 -0.81
N THR A 93 21.25 -19.05 -1.35
CA THR A 93 21.51 -17.72 -1.91
C THR A 93 20.23 -16.89 -1.87
N LEU A 94 20.39 -15.59 -1.62
CA LEU A 94 19.31 -14.63 -1.73
C LEU A 94 19.66 -13.62 -2.83
N PHE A 95 18.87 -13.61 -3.89
CA PHE A 95 19.05 -12.67 -4.99
C PHE A 95 18.22 -11.40 -4.76
N ALA A 96 18.67 -10.32 -5.39
CA ALA A 96 17.90 -9.10 -5.54
C ALA A 96 17.76 -8.79 -7.02
N PHE A 97 16.54 -8.42 -7.43
CA PHE A 97 16.28 -8.08 -8.82
C PHE A 97 16.81 -6.68 -9.11
N ASP A 98 17.57 -6.55 -10.20
CA ASP A 98 18.07 -5.26 -10.66
C ASP A 98 17.32 -4.90 -11.94
N PRO A 99 16.35 -3.97 -11.88
CA PRO A 99 15.56 -3.68 -13.08
C PRO A 99 16.37 -3.06 -14.21
N ALA A 100 17.42 -2.30 -13.88
CA ALA A 100 18.26 -1.72 -14.93
C ALA A 100 19.00 -2.79 -15.72
N GLN A 101 19.41 -3.87 -15.05
CA GLN A 101 20.08 -4.98 -15.72
C GLN A 101 19.13 -6.05 -16.24
N ASP A 102 17.88 -6.04 -15.78
CA ASP A 102 16.94 -7.13 -16.02
C ASP A 102 17.59 -8.46 -15.65
N ASP A 103 18.14 -8.51 -14.44
CA ASP A 103 18.86 -9.67 -13.96
C ASP A 103 18.81 -9.66 -12.45
N PHE A 104 19.27 -10.76 -11.84
CA PHE A 104 19.25 -10.94 -10.40
C PHE A 104 20.68 -11.05 -9.88
N ILE A 105 20.97 -10.33 -8.80
CA ILE A 105 22.32 -10.21 -8.25
C ILE A 105 22.38 -10.96 -6.93
N ARG A 106 23.42 -11.77 -6.76
CA ARG A 106 23.64 -12.50 -5.51
C ARG A 106 24.08 -11.51 -4.44
N THR A 107 23.17 -11.13 -3.56
CA THR A 107 23.47 -10.19 -2.48
C THR A 107 24.05 -10.87 -1.25
N THR A 108 23.73 -12.14 -1.03
CA THR A 108 24.37 -12.95 0.00
C THR A 108 24.24 -14.41 -0.41
N THR A 109 25.34 -15.16 -0.24
CA THR A 109 25.37 -16.55 -0.70
C THR A 109 26.44 -17.30 0.06
N SER A 110 26.23 -18.61 0.19
CA SER A 110 27.25 -19.50 0.75
C SER A 110 28.20 -20.02 -0.31
N ILE A 111 27.89 -19.84 -1.59
CA ILE A 111 28.74 -20.33 -2.66
C ILE A 111 30.00 -19.49 -2.75
N THR A 112 31.15 -20.15 -2.88
CA THR A 112 32.44 -19.49 -2.94
C THR A 112 33.09 -19.72 -4.30
N LYS A 113 33.91 -18.75 -4.71
CA LYS A 113 34.64 -18.85 -5.96
C LYS A 113 35.91 -19.68 -5.75
N PRO A 114 36.54 -20.12 -6.85
CA PRO A 114 37.77 -20.90 -6.72
C PRO A 114 38.85 -20.25 -5.89
N ASP A 115 38.91 -18.92 -5.83
CA ASP A 115 39.92 -18.27 -5.00
C ASP A 115 39.51 -18.16 -3.54
N GLY A 116 38.36 -18.75 -3.16
CA GLY A 116 37.91 -18.73 -1.79
C GLY A 116 36.95 -17.61 -1.44
N SER A 117 36.81 -16.60 -2.30
CA SER A 117 35.97 -15.46 -1.99
C SER A 117 34.50 -15.80 -2.19
N ARG A 118 33.64 -15.07 -1.48
CA ARG A 118 32.20 -15.30 -1.56
C ARG A 118 31.66 -14.79 -2.89
N ALA A 119 30.79 -15.58 -3.51
CA ALA A 119 30.29 -15.28 -4.86
C ALA A 119 29.27 -14.16 -4.85
N VAL A 120 29.38 -13.22 -3.90
CA VAL A 120 28.49 -12.08 -3.85
CA VAL A 120 28.48 -12.08 -3.86
C VAL A 120 28.78 -11.15 -5.04
N GLY A 121 27.73 -10.57 -5.60
CA GLY A 121 27.88 -9.64 -6.70
C GLY A 121 27.80 -10.26 -8.08
N THR A 122 27.74 -11.58 -8.18
CA THR A 122 27.55 -12.23 -9.46
C THR A 122 26.06 -12.27 -9.81
N ASN A 123 25.77 -12.50 -11.08
CA ASN A 123 24.41 -12.46 -11.60
C ASN A 123 23.89 -13.87 -11.87
N LEU A 124 22.56 -13.98 -11.85
CA LEU A 124 21.92 -15.24 -12.25
C LEU A 124 22.14 -15.51 -13.73
N GLY A 125 21.94 -14.51 -14.58
CA GLY A 125 22.11 -14.67 -16.01
C GLY A 125 20.81 -15.03 -16.71
N GLN A 126 20.54 -14.37 -17.83
CA GLN A 126 19.31 -14.64 -18.57
CA GLN A 126 19.31 -14.65 -18.57
C GLN A 126 19.30 -16.05 -19.15
N ASP A 127 20.45 -16.70 -19.27
CA ASP A 127 20.53 -18.05 -19.79
C ASP A 127 20.34 -19.12 -18.72
N SER A 128 20.16 -18.73 -17.46
CA SER A 128 19.91 -19.70 -16.41
C SER A 128 18.51 -20.28 -16.57
N LYS A 129 18.39 -21.59 -16.32
CA LYS A 129 17.09 -22.26 -16.43
C LYS A 129 16.06 -21.70 -15.47
N ALA A 130 16.51 -21.02 -14.41
CA ALA A 130 15.59 -20.42 -13.44
C ALA A 130 15.12 -19.04 -13.86
N PHE A 131 15.74 -18.42 -14.87
CA PHE A 131 15.45 -17.02 -15.17
C PHE A 131 14.01 -16.82 -15.61
N ALA A 132 13.61 -17.49 -16.70
CA ALA A 132 12.25 -17.31 -17.21
C ALA A 132 11.17 -17.73 -16.23
N PRO A 133 11.27 -18.86 -15.51
CA PRO A 133 10.24 -19.16 -14.50
C PRO A 133 10.12 -18.09 -13.42
N ILE A 134 11.25 -17.61 -12.90
CA ILE A 134 11.22 -16.58 -11.86
C ILE A 134 10.56 -15.32 -12.38
N LYS A 135 10.89 -14.92 -13.61
CA LYS A 135 10.28 -13.73 -14.18
C LYS A 135 8.76 -13.88 -14.30
N ALA A 136 8.28 -15.08 -14.56
CA ALA A 136 6.84 -15.33 -14.61
C ALA A 136 6.24 -15.58 -13.24
N GLY A 137 7.01 -15.41 -12.17
CA GLY A 137 6.50 -15.64 -10.84
C GLY A 137 6.38 -17.09 -10.44
N LYS A 138 7.10 -17.98 -11.09
CA LYS A 138 7.02 -19.41 -10.84
CA LYS A 138 7.02 -19.41 -10.84
C LYS A 138 8.28 -19.90 -10.14
N THR A 139 8.14 -21.01 -9.41
CA THR A 139 9.25 -21.63 -8.72
C THR A 139 9.90 -22.66 -9.64
N TYR A 140 11.22 -22.55 -9.81
CA TYR A 140 11.96 -23.50 -10.62
C TYR A 140 12.53 -24.60 -9.74
N LEU A 141 12.30 -25.84 -10.13
CA LEU A 141 12.86 -27.01 -9.45
C LEU A 141 13.48 -27.92 -10.50
N GLY A 142 14.79 -28.10 -10.42
CA GLY A 142 15.49 -28.94 -11.37
C GLY A 142 16.96 -28.60 -11.42
N LYS A 143 17.61 -29.13 -12.46
CA LYS A 143 19.03 -28.89 -12.64
CA LYS A 143 19.03 -28.89 -12.64
C LYS A 143 19.29 -27.47 -13.12
N ALA A 144 20.43 -26.92 -12.73
CA ALA A 144 20.83 -25.59 -13.12
C ALA A 144 22.33 -25.45 -12.96
N ASP A 145 22.93 -24.59 -13.78
CA ASP A 145 24.35 -24.31 -13.73
C ASP A 145 24.59 -23.03 -12.94
N ILE A 146 25.56 -23.06 -12.04
CA ILE A 146 25.87 -21.93 -11.18
C ILE A 146 27.38 -21.70 -11.26
N LEU A 147 27.77 -20.65 -11.98
CA LEU A 147 29.17 -20.27 -12.13
C LEU A 147 30.01 -21.43 -12.65
N GLY A 148 29.46 -22.13 -13.65
CA GLY A 148 30.17 -23.21 -14.31
C GLY A 148 29.98 -24.58 -13.71
N THR A 149 29.24 -24.71 -12.61
CA THR A 149 29.05 -25.98 -11.93
C THR A 149 27.57 -26.34 -11.94
N SER A 150 27.29 -27.63 -12.15
CA SER A 150 25.92 -28.13 -12.20
C SER A 150 25.39 -28.42 -10.79
N TYR A 151 24.14 -28.05 -10.55
CA TYR A 151 23.50 -28.22 -9.26
C TYR A 151 22.12 -28.84 -9.44
N TYR A 152 21.63 -29.45 -8.36
CA TYR A 152 20.20 -29.69 -8.19
C TYR A 152 19.66 -28.55 -7.34
N THR A 153 18.64 -27.84 -7.85
CA THR A 153 18.29 -26.55 -7.31
C THR A 153 16.79 -26.42 -7.11
N ILE A 154 16.43 -25.47 -6.25
CA ILE A 154 15.11 -24.85 -6.21
C ILE A 154 15.31 -23.34 -6.17
N TYR A 155 14.61 -22.62 -7.05
CA TYR A 155 14.62 -21.17 -7.09
C TYR A 155 13.19 -20.69 -6.83
N ALA A 156 13.00 -19.96 -5.73
CA ALA A 156 11.69 -19.44 -5.40
C ALA A 156 11.66 -17.93 -5.57
N PRO A 157 10.66 -17.38 -6.25
CA PRO A 157 10.61 -15.92 -6.43
C PRO A 157 10.25 -15.21 -5.14
N VAL A 158 10.84 -14.04 -4.95
CA VAL A 158 10.56 -13.17 -3.82
C VAL A 158 9.76 -11.98 -4.33
N PHE A 159 8.59 -11.76 -3.73
CA PHE A 159 7.68 -10.70 -4.14
C PHE A 159 7.72 -9.55 -3.13
N ASN A 160 7.19 -8.41 -3.57
CA ASN A 160 6.81 -7.34 -2.66
C ASN A 160 5.29 -7.36 -2.50
N THR A 161 4.78 -6.49 -1.62
CA THR A 161 3.35 -6.50 -1.35
C THR A 161 2.50 -6.02 -2.51
N ARG A 162 3.11 -5.46 -3.55
CA ARG A 162 2.39 -5.04 -4.75
C ARG A 162 2.38 -6.11 -5.84
N GLY A 163 3.05 -7.25 -5.60
CA GLY A 163 3.05 -8.34 -6.56
C GLY A 163 4.25 -8.38 -7.49
N ASP A 164 5.17 -7.43 -7.37
CA ASP A 164 6.35 -7.43 -8.23
C ASP A 164 7.39 -8.44 -7.74
N VAL A 165 8.11 -9.03 -8.68
CA VAL A 165 9.21 -9.94 -8.36
C VAL A 165 10.43 -9.09 -8.03
N THR A 166 10.86 -9.14 -6.76
CA THR A 166 11.96 -8.30 -6.29
C THR A 166 13.22 -9.10 -5.96
N GLY A 167 13.18 -10.42 -6.04
CA GLY A 167 14.36 -11.20 -5.71
C GLY A 167 14.10 -12.68 -5.89
N ILE A 168 15.05 -13.48 -5.41
CA ILE A 168 14.97 -14.93 -5.46
C ILE A 168 15.53 -15.49 -4.17
N LEU A 169 14.90 -16.56 -3.67
CA LEU A 169 15.43 -17.36 -2.57
C LEU A 169 15.80 -18.73 -3.13
N PHE A 170 17.08 -19.09 -3.03
CA PHE A 170 17.60 -20.29 -3.66
C PHE A 170 18.23 -21.21 -2.63
N SER A 171 18.11 -22.51 -2.88
CA SER A 171 18.91 -23.53 -2.21
C SER A 171 19.26 -24.60 -3.26
N GLY A 172 20.39 -25.25 -3.06
CA GLY A 172 20.82 -26.25 -4.02
C GLY A 172 22.06 -26.98 -3.55
N VAL A 173 22.33 -28.10 -4.21
CA VAL A 173 23.46 -28.97 -3.89
C VAL A 173 24.14 -29.37 -5.19
N LYS A 174 25.48 -29.39 -5.18
CA LYS A 174 26.23 -29.76 -6.36
CA LYS A 174 26.23 -29.76 -6.36
C LYS A 174 25.89 -31.18 -6.78
N THR A 175 25.66 -31.38 -8.08
CA THR A 175 25.38 -32.72 -8.58
C THR A 175 26.54 -33.67 -8.33
N ALA A 176 27.77 -33.15 -8.38
CA ALA A 176 28.93 -33.98 -8.06
C ALA A 176 28.91 -34.42 -6.60
N THR A 177 28.34 -33.61 -5.71
CA THR A 177 28.21 -33.99 -4.31
C THR A 177 27.18 -35.11 -4.14
N VAL A 178 26.00 -34.94 -4.77
CA VAL A 178 25.02 -36.02 -4.80
C VAL A 178 25.64 -37.27 -5.40
N GLN A 179 26.47 -37.10 -6.42
CA GLN A 179 27.01 -38.27 -7.13
C GLN A 179 28.10 -38.96 -6.33
N GLU A 180 28.94 -38.19 -5.62
CA GLU A 180 29.99 -38.80 -4.81
CA GLU A 180 29.99 -38.82 -4.82
C GLU A 180 29.40 -39.64 -3.68
N ALA A 181 28.20 -39.30 -3.22
CA ALA A 181 27.55 -40.10 -2.19
C ALA A 181 26.98 -41.39 -2.78
N ALA A 182 26.47 -41.31 -4.01
CA ALA A 182 26.05 -42.52 -4.72
C ALA A 182 27.24 -43.36 -5.18
N ASN A 183 28.43 -42.77 -5.21
CA ASN A 183 29.63 -43.48 -5.64
C ASN A 183 30.42 -43.99 -4.43
N ASP B 27 0.24 33.21 -6.95
CA ASP B 27 0.50 34.49 -7.59
C ASP B 27 1.07 34.30 -8.99
N THR B 28 2.39 34.11 -9.07
CA THR B 28 3.09 33.95 -10.33
C THR B 28 3.63 32.53 -10.44
N ALA B 29 4.21 32.23 -11.61
CA ALA B 29 4.77 30.90 -11.83
C ALA B 29 5.95 30.63 -10.92
N SER B 30 6.90 31.57 -10.85
CA SER B 30 8.06 31.41 -9.98
C SER B 30 7.65 31.35 -8.52
N THR B 31 6.63 32.11 -8.13
CA THR B 31 6.16 32.09 -6.75
C THR B 31 5.57 30.72 -6.40
N ALA B 32 4.71 30.19 -7.27
CA ALA B 32 4.09 28.90 -7.01
C ALA B 32 5.13 27.78 -7.03
N LEU B 33 6.11 27.88 -7.92
CA LEU B 33 7.15 26.84 -8.00
C LEU B 33 8.09 26.91 -6.80
N LYS B 34 8.39 28.12 -6.34
CA LYS B 34 9.18 28.27 -5.11
C LYS B 34 8.46 27.66 -3.92
N TYR B 35 7.13 27.75 -3.90
CA TYR B 35 6.36 27.18 -2.79
C TYR B 35 6.45 25.66 -2.77
N GLN B 36 6.71 25.03 -3.91
CA GLN B 36 6.69 23.57 -3.98
C GLN B 36 7.77 22.95 -3.09
N HIS B 37 8.86 23.68 -2.82
CA HIS B 37 9.86 23.19 -1.89
C HIS B 37 9.29 23.06 -0.48
N SER B 38 8.48 24.03 -0.06
CA SER B 38 7.83 23.93 1.24
C SER B 38 6.81 22.80 1.26
N ALA B 39 6.06 22.64 0.17
CA ALA B 39 5.07 21.57 0.10
C ALA B 39 5.73 20.20 0.15
N LEU B 40 6.90 20.06 -0.48
CA LEU B 40 7.61 18.79 -0.44
C LEU B 40 8.11 18.48 0.96
N ARG B 41 8.47 19.51 1.73
CA ARG B 41 8.83 19.30 3.13
C ARG B 41 7.66 18.75 3.93
N VAL B 42 6.48 19.34 3.74
CA VAL B 42 5.29 18.86 4.44
C VAL B 42 4.98 17.42 4.03
N ALA B 43 5.06 17.13 2.72
CA ALA B 43 4.77 15.79 2.24
C ALA B 43 5.77 14.77 2.76
N SER B 44 7.05 15.14 2.80
CA SER B 44 8.07 14.20 3.24
C SER B 44 7.99 13.93 4.73
N ALA B 45 7.76 14.98 5.53
CA ALA B 45 7.67 14.80 6.98
C ALA B 45 6.43 13.99 7.36
N THR B 46 5.31 14.22 6.69
CA THR B 46 4.11 13.44 6.93
C THR B 46 4.32 11.99 6.51
N LEU B 47 4.98 11.77 5.38
CA LEU B 47 5.28 10.42 4.93
C LEU B 47 6.18 9.70 5.92
N HIS B 48 7.18 10.40 6.46
CA HIS B 48 8.07 9.81 7.45
C HIS B 48 7.35 9.49 8.76
N ARG B 49 6.34 10.29 9.11
CA ARG B 49 5.57 10.01 10.31
C ARG B 49 4.66 8.80 10.11
N GLN B 50 4.07 8.65 8.93
CA GLN B 50 3.22 7.50 8.66
C GLN B 50 4.03 6.23 8.49
N PHE B 51 5.24 6.32 7.92
CA PHE B 51 6.13 5.19 7.72
C PHE B 51 7.46 5.54 8.40
N PRO B 52 7.58 5.28 9.71
CA PRO B 52 8.80 5.69 10.43
C PRO B 52 10.07 5.03 9.91
N ASP B 53 9.97 3.89 9.23
CA ASP B 53 11.11 3.26 8.58
C ASP B 53 11.72 4.11 7.47
N THR B 54 11.02 5.14 7.01
CA THR B 54 11.51 5.98 5.93
C THR B 54 12.74 6.76 6.40
N SER B 55 13.56 7.19 5.43
CA SER B 55 14.67 8.10 5.71
C SER B 55 14.55 9.30 4.78
N VAL B 56 14.60 10.50 5.36
CA VAL B 56 14.58 11.75 4.60
C VAL B 56 15.86 12.51 4.91
N GLU B 57 16.67 12.72 3.87
CA GLU B 57 17.86 13.55 3.99
C GLU B 57 17.49 14.99 3.63
N TRP B 58 17.95 15.93 4.45
CA TRP B 58 17.62 17.34 4.28
C TRP B 58 18.84 18.12 3.85
N ALA B 59 18.67 18.97 2.84
CA ALA B 59 19.72 19.88 2.41
C ALA B 59 20.02 20.89 3.52
N PRO B 60 21.18 21.56 3.46
CA PRO B 60 21.51 22.55 4.50
C PRO B 60 20.50 23.67 4.64
N ASP B 61 19.74 23.98 3.59
CA ASP B 61 18.73 25.03 3.64
C ASP B 61 17.37 24.53 4.12
N GLY B 62 17.29 23.30 4.61
CA GLY B 62 16.05 22.71 5.06
C GLY B 62 15.27 21.94 4.02
N ASN B 63 15.54 22.16 2.73
CA ASN B 63 14.78 21.49 1.69
C ASN B 63 15.10 20.00 1.66
N VAL B 64 14.23 19.24 1.00
CA VAL B 64 14.39 17.79 0.93
C VAL B 64 15.51 17.46 -0.05
N GLN B 65 16.48 16.67 0.41
CA GLN B 65 17.60 16.24 -0.41
CA GLN B 65 17.60 16.24 -0.41
C GLN B 65 17.38 14.86 -1.03
N LYS B 66 16.81 13.92 -0.27
CA LYS B 66 16.62 12.57 -0.75
C LYS B 66 15.59 11.87 0.14
N VAL B 67 14.72 11.07 -0.49
CA VAL B 67 13.74 10.25 0.21
C VAL B 67 14.08 8.79 -0.05
N VAL B 68 14.25 8.03 1.02
CA VAL B 68 14.63 6.62 0.94
C VAL B 68 13.53 5.78 1.59
N MET B 69 13.00 4.81 0.84
CA MET B 69 11.95 3.95 1.33
C MET B 69 12.19 2.53 0.83
N ASP B 70 12.20 1.56 1.74
CA ASP B 70 12.35 0.14 1.34
C ASP B 70 10.99 -0.54 1.41
N THR B 71 10.03 0.08 2.10
CA THR B 71 8.68 -0.51 2.27
C THR B 71 7.76 -0.02 1.16
N VAL B 72 7.30 -0.93 0.31
CA VAL B 72 6.32 -0.53 -0.74
C VAL B 72 4.93 -0.53 -0.08
N PRO B 73 4.16 0.57 -0.13
CA PRO B 73 2.82 0.55 0.40
C PRO B 73 1.67 0.63 -0.62
N THR B 74 0.68 -0.27 -0.50
CA THR B 74 -0.56 -0.14 -1.33
C THR B 74 -1.55 0.58 -0.40
N PHE B 75 -2.49 1.35 -0.94
CA PHE B 75 -3.34 2.13 0.00
C PHE B 75 -4.84 1.91 -0.18
N THR B 76 -5.49 1.36 0.85
CA THR B 76 -6.96 1.30 0.87
C THR B 76 -7.56 2.55 1.48
N ASP B 77 -6.86 3.17 2.42
CA ASP B 77 -7.26 4.43 3.03
C ASP B 77 -6.31 5.52 2.55
N HIS B 78 -6.86 6.67 2.16
CA HIS B 78 -6.10 7.74 1.55
C HIS B 78 -6.05 8.98 2.45
N ALA B 79 -5.99 8.75 3.77
CA ALA B 79 -6.02 9.87 4.72
C ALA B 79 -4.71 10.63 4.74
N MET B 80 -3.59 9.95 4.52
CA MET B 80 -2.29 10.62 4.59
C MET B 80 -2.13 11.65 3.47
N ILE B 81 -2.48 11.26 2.25
CA ILE B 81 -2.30 12.17 1.10
C ILE B 81 -3.28 13.33 1.19
N ASP B 82 -4.47 13.11 1.77
CA ASP B 82 -5.41 14.21 1.94
C ASP B 82 -4.96 15.16 3.03
N GLU B 83 -4.30 14.64 4.07
CA GLU B 83 -3.72 15.50 5.10
C GLU B 83 -2.63 16.39 4.51
N ILE B 84 -1.74 15.81 3.72
CA ILE B 84 -0.70 16.59 3.05
C ILE B 84 -1.33 17.65 2.15
N ALA B 85 -2.36 17.28 1.40
CA ALA B 85 -3.02 18.22 0.51
C ALA B 85 -3.68 19.34 1.31
N ARG B 86 -4.35 19.00 2.41
CA ARG B 86 -5.04 20.02 3.20
C ARG B 86 -4.05 20.95 3.89
N VAL B 87 -2.97 20.41 4.46
CA VAL B 87 -1.99 21.23 5.14
C VAL B 87 -1.23 22.11 4.14
N SER B 88 -0.83 21.54 3.01
CA SER B 88 -0.12 22.32 1.99
C SER B 88 -1.03 23.29 1.27
N GLY B 89 -2.33 23.03 1.22
CA GLY B 89 -3.23 23.88 0.49
C GLY B 89 -3.32 23.59 -0.99
N GLN B 90 -2.82 22.44 -1.44
CA GLN B 90 -2.85 22.07 -2.84
C GLN B 90 -2.99 20.57 -3.01
N GLN B 91 -2.25 19.98 -3.95
CA GLN B 91 -2.37 18.57 -4.26
C GLN B 91 -1.08 17.83 -3.91
N ALA B 92 -1.19 16.50 -3.87
CA ALA B 92 -0.04 15.65 -3.54
C ALA B 92 -0.31 14.25 -4.06
N THR B 93 0.77 13.52 -4.35
CA THR B 93 0.68 12.19 -4.91
C THR B 93 1.91 11.38 -4.50
N LEU B 94 1.72 10.08 -4.28
CA LEU B 94 2.82 9.15 -4.11
C LEU B 94 2.75 8.12 -5.23
N PHE B 95 3.77 8.09 -6.08
CA PHE B 95 3.88 7.10 -7.15
C PHE B 95 4.67 5.89 -6.69
N ALA B 96 4.38 4.76 -7.32
CA ALA B 96 5.21 3.56 -7.22
C ALA B 96 5.69 3.18 -8.61
N PHE B 97 6.96 2.83 -8.72
CA PHE B 97 7.52 2.45 -10.02
C PHE B 97 7.10 1.04 -10.38
N ASP B 98 6.56 0.88 -11.58
CA ASP B 98 6.19 -0.44 -12.09
C ASP B 98 7.20 -0.82 -13.18
N PRO B 99 8.17 -1.69 -12.89
CA PRO B 99 9.19 -2.00 -13.89
C PRO B 99 8.65 -2.71 -15.12
N ALA B 100 7.58 -3.47 -14.98
CA ALA B 100 6.99 -4.14 -16.14
C ALA B 100 6.41 -3.13 -17.13
N GLN B 101 5.88 -2.01 -16.64
CA GLN B 101 5.37 -0.97 -17.51
C GLN B 101 6.39 0.10 -17.85
N ASP B 102 7.51 0.15 -17.12
CA ASP B 102 8.47 1.24 -17.20
C ASP B 102 7.75 2.58 -17.01
N ASP B 103 6.90 2.62 -16.00
CA ASP B 103 6.09 3.80 -15.71
C ASP B 103 5.84 3.87 -14.21
N PHE B 104 5.24 4.97 -13.78
CA PHE B 104 4.94 5.19 -12.37
C PHE B 104 3.43 5.25 -12.17
N ILE B 105 2.94 4.54 -11.16
CA ILE B 105 1.51 4.40 -10.89
C ILE B 105 1.16 5.26 -9.68
N ARG B 106 0.08 6.02 -9.78
CA ARG B 106 -0.42 6.77 -8.63
C ARG B 106 -1.08 5.81 -7.65
N THR B 107 -0.39 5.53 -6.54
CA THR B 107 -0.94 4.64 -5.52
C THR B 107 -1.84 5.36 -4.53
N THR B 108 -1.55 6.62 -4.24
CA THR B 108 -2.43 7.46 -3.44
C THR B 108 -2.23 8.91 -3.87
N THR B 109 -3.33 9.65 -3.99
CA THR B 109 -3.28 11.01 -4.49
C THR B 109 -4.54 11.74 -4.06
N SER B 110 -4.42 13.07 -3.99
CA SER B 110 -5.57 13.93 -3.75
C SER B 110 -6.25 14.38 -5.04
N ILE B 111 -5.64 14.12 -6.18
CA ILE B 111 -6.19 14.56 -7.46
C ILE B 111 -7.39 13.69 -7.82
N THR B 112 -8.47 14.33 -8.26
CA THR B 112 -9.68 13.63 -8.64
C THR B 112 -9.90 13.72 -10.14
N LYS B 113 -10.58 12.73 -10.68
CA LYS B 113 -10.95 12.65 -12.09
C LYS B 113 -12.27 13.36 -12.32
N PRO B 114 -12.60 13.68 -13.58
CA PRO B 114 -13.83 14.46 -13.83
C PRO B 114 -15.10 13.86 -13.26
N ASP B 115 -15.15 12.54 -13.05
CA ASP B 115 -16.33 11.94 -12.45
C ASP B 115 -16.35 12.04 -10.94
N GLY B 116 -15.34 12.68 -10.32
CA GLY B 116 -15.28 12.87 -8.89
C GLY B 116 -14.47 11.83 -8.15
N SER B 117 -14.00 10.80 -8.84
CA SER B 117 -13.27 9.73 -8.17
C SER B 117 -11.78 10.06 -8.07
N ARG B 118 -11.12 9.37 -7.15
CA ARG B 118 -9.69 9.58 -6.93
C ARG B 118 -8.89 9.00 -8.09
N ALA B 119 -7.88 9.75 -8.53
CA ALA B 119 -7.12 9.38 -9.72
C ALA B 119 -6.08 8.31 -9.42
N VAL B 120 -6.37 7.43 -8.45
CA VAL B 120 -5.49 6.31 -8.17
C VAL B 120 -5.51 5.34 -9.34
N GLY B 121 -4.34 4.75 -9.63
CA GLY B 121 -4.24 3.77 -10.70
C GLY B 121 -3.95 4.35 -12.06
N THR B 122 -3.81 5.66 -12.18
CA THR B 122 -3.36 6.28 -13.42
C THR B 122 -1.84 6.40 -13.41
N ASN B 123 -1.28 6.56 -14.61
CA ASN B 123 0.15 6.53 -14.80
C ASN B 123 0.71 7.93 -15.03
N LEU B 124 1.97 8.12 -14.64
CA LEU B 124 2.66 9.37 -14.96
C LEU B 124 2.76 9.56 -16.46
N GLY B 125 3.11 8.49 -17.19
CA GLY B 125 3.26 8.58 -18.62
C GLY B 125 4.68 8.93 -19.01
N GLN B 126 5.21 8.23 -20.01
CA GLN B 126 6.58 8.49 -20.45
C GLN B 126 6.74 9.86 -21.10
N ASP B 127 5.65 10.49 -21.50
CA ASP B 127 5.70 11.82 -22.10
C ASP B 127 5.67 12.93 -21.06
N SER B 128 5.54 12.61 -19.78
CA SER B 128 5.56 13.63 -18.74
C SER B 128 6.95 14.24 -18.65
N LYS B 129 6.99 15.57 -18.45
CA LYS B 129 8.27 16.25 -18.30
C LYS B 129 9.03 15.81 -17.06
N ALA B 130 8.36 15.15 -16.13
CA ALA B 130 9.01 14.61 -14.94
C ALA B 130 9.62 13.23 -15.16
N PHE B 131 9.27 12.56 -16.25
CA PHE B 131 9.66 11.15 -16.41
C PHE B 131 11.17 10.99 -16.52
N ALA B 132 11.77 11.58 -17.56
CA ALA B 132 13.21 11.44 -17.75
C ALA B 132 14.03 11.94 -16.56
N PRO B 133 13.72 13.09 -15.93
CA PRO B 133 14.48 13.46 -14.72
C PRO B 133 14.36 12.46 -13.59
N ILE B 134 13.14 11.96 -13.32
CA ILE B 134 12.96 10.99 -12.23
C ILE B 134 13.75 9.72 -12.51
N LYS B 135 13.67 9.23 -13.75
CA LYS B 135 14.41 8.02 -14.11
C LYS B 135 15.91 8.20 -13.92
N ALA B 136 16.42 9.42 -14.11
CA ALA B 136 17.83 9.72 -13.91
C ALA B 136 18.15 10.05 -12.45
N GLY B 137 17.20 9.88 -11.54
CA GLY B 137 17.43 10.17 -10.14
C GLY B 137 17.41 11.64 -9.79
N LYS B 138 16.80 12.48 -10.62
CA LYS B 138 16.76 13.92 -10.41
C LYS B 138 15.35 14.36 -10.05
N THR B 139 15.28 15.50 -9.37
CA THR B 139 14.01 16.14 -9.03
C THR B 139 13.59 17.05 -10.16
N TYR B 140 12.32 16.96 -10.56
CA TYR B 140 11.77 17.88 -11.55
C TYR B 140 10.97 18.96 -10.85
N LEU B 141 11.22 20.21 -11.24
CA LEU B 141 10.51 21.37 -10.72
C LEU B 141 10.12 22.25 -11.90
N GLY B 142 8.82 22.39 -12.12
CA GLY B 142 8.34 23.21 -13.21
C GLY B 142 6.93 22.82 -13.60
N LYS B 143 6.51 23.36 -14.75
CA LYS B 143 5.16 23.13 -15.24
C LYS B 143 5.00 21.70 -15.72
N ALA B 144 3.80 21.15 -15.51
CA ALA B 144 3.53 19.79 -15.92
C ALA B 144 2.04 19.59 -16.16
N ASP B 145 1.73 18.71 -17.10
CA ASP B 145 0.36 18.29 -17.36
C ASP B 145 0.04 17.03 -16.56
N ILE B 146 -1.11 17.04 -15.90
CA ILE B 146 -1.60 15.90 -15.13
C ILE B 146 -3.01 15.59 -15.58
N LEU B 147 -3.18 14.51 -16.34
CA LEU B 147 -4.48 14.06 -16.82
C LEU B 147 -5.23 15.18 -17.54
N GLY B 148 -4.50 15.95 -18.34
CA GLY B 148 -5.07 17.00 -19.15
C GLY B 148 -5.09 18.38 -18.54
N THR B 149 -4.66 18.53 -17.28
CA THR B 149 -4.69 19.81 -16.58
C THR B 149 -3.27 20.29 -16.31
N SER B 150 -3.04 21.58 -16.50
CA SER B 150 -1.73 22.17 -16.28
C SER B 150 -1.50 22.45 -14.81
N TYR B 151 -0.30 22.11 -14.32
CA TYR B 151 0.06 22.28 -12.92
C TYR B 151 1.44 22.93 -12.80
N TYR B 152 1.67 23.54 -11.64
CA TYR B 152 3.01 23.88 -11.18
C TYR B 152 3.43 22.81 -10.17
N THR B 153 4.48 22.07 -10.48
CA THR B 153 4.76 20.82 -9.79
C THR B 153 6.18 20.76 -9.25
N ILE B 154 6.38 19.81 -8.34
CA ILE B 154 7.68 19.28 -7.98
C ILE B 154 7.54 17.76 -7.90
N TYR B 155 8.43 17.05 -8.58
CA TYR B 155 8.48 15.59 -8.54
C TYR B 155 9.82 15.18 -7.95
N ALA B 156 9.80 14.59 -6.76
CA ALA B 156 11.05 14.12 -6.19
C ALA B 156 11.13 12.60 -6.26
N PRO B 157 12.28 12.04 -6.63
CA PRO B 157 12.39 10.58 -6.70
C PRO B 157 12.45 9.96 -5.31
N VAL B 158 11.91 8.75 -5.22
CA VAL B 158 11.97 7.93 -4.01
C VAL B 158 12.90 6.76 -4.29
N PHE B 159 13.91 6.60 -3.45
CA PHE B 159 14.90 5.55 -3.59
C PHE B 159 14.67 4.46 -2.55
N ASN B 160 15.16 3.26 -2.87
CA ASN B 160 15.34 2.23 -1.87
C ASN B 160 16.79 2.23 -1.41
N THR B 161 17.11 1.40 -0.42
CA THR B 161 18.47 1.40 0.13
C THR B 161 19.49 0.83 -0.84
N ARG B 162 19.06 0.19 -1.93
CA ARG B 162 20.00 -0.23 -2.97
C ARG B 162 20.36 0.89 -3.93
N GLY B 163 19.62 2.00 -3.91
CA GLY B 163 19.83 3.08 -4.85
C GLY B 163 18.90 3.10 -6.03
N ASP B 164 17.96 2.16 -6.12
CA ASP B 164 17.00 2.14 -7.21
C ASP B 164 15.91 3.18 -6.99
N VAL B 165 15.46 3.78 -8.08
CA VAL B 165 14.31 4.69 -8.04
C VAL B 165 13.05 3.82 -8.02
N THR B 166 12.35 3.80 -6.88
CA THR B 166 11.19 2.93 -6.70
C THR B 166 9.88 3.69 -6.66
N GLY B 167 9.90 5.01 -6.71
CA GLY B 167 8.66 5.77 -6.68
C GLY B 167 8.92 7.25 -6.80
N ILE B 168 7.86 8.03 -6.62
CA ILE B 168 7.91 9.49 -6.71
C ILE B 168 7.06 10.07 -5.59
N LEU B 169 7.54 11.16 -4.99
CA LEU B 169 6.76 11.99 -4.09
C LEU B 169 6.46 13.30 -4.81
N PHE B 170 5.18 13.63 -4.95
CA PHE B 170 4.77 14.78 -5.74
C PHE B 170 3.93 15.73 -4.90
N SER B 171 4.07 17.03 -5.20
CA SER B 171 3.15 18.06 -4.75
C SER B 171 3.03 19.10 -5.86
N GLY B 172 1.85 19.68 -6.00
CA GLY B 172 1.64 20.63 -7.07
C GLY B 172 0.34 21.36 -6.92
N VAL B 173 0.21 22.44 -7.68
CA VAL B 173 -0.98 23.28 -7.68
C VAL B 173 -1.38 23.56 -9.12
N LYS B 174 -2.69 23.56 -9.36
CA LYS B 174 -3.22 23.88 -10.69
C LYS B 174 -2.83 25.30 -11.08
N THR B 175 -2.33 25.46 -12.31
CA THR B 175 -1.97 26.79 -12.78
C THR B 175 -3.18 27.71 -12.83
N ALA B 176 -4.36 27.16 -13.11
CA ALA B 176 -5.58 27.97 -13.10
C ALA B 176 -5.88 28.49 -11.70
N THR B 177 -5.57 27.72 -10.67
CA THR B 177 -5.75 28.18 -9.30
C THR B 177 -4.79 29.32 -8.97
N VAL B 178 -3.55 29.23 -9.44
CA VAL B 178 -2.58 30.29 -9.20
C VAL B 178 -2.99 31.55 -9.94
N GLN B 179 -3.47 31.40 -11.17
CA GLN B 179 -3.71 32.56 -12.02
C GLN B 179 -5.03 33.23 -11.66
N GLU B 180 -5.95 32.47 -11.07
CA GLU B 180 -7.21 33.04 -10.60
CA GLU B 180 -7.21 33.04 -10.60
C GLU B 180 -6.98 34.05 -9.49
N ALA B 181 -6.13 33.70 -8.52
CA ALA B 181 -5.80 34.64 -7.46
C ALA B 181 -5.11 35.87 -8.03
N ALA B 182 -4.25 35.68 -9.02
CA ALA B 182 -3.61 36.79 -9.71
C ALA B 182 -4.59 37.49 -10.64
N ASP C 27 -40.42 -6.49 19.33
CA ASP C 27 -40.35 -6.29 20.77
C ASP C 27 -39.17 -5.40 21.13
N THR C 28 -38.00 -6.00 21.31
CA THR C 28 -36.78 -5.25 21.56
C THR C 28 -36.03 -4.88 20.29
N ALA C 29 -36.42 -5.42 19.14
CA ALA C 29 -35.93 -4.89 17.87
C ALA C 29 -36.51 -3.52 17.61
N SER C 30 -37.78 -3.32 17.96
CA SER C 30 -38.39 -1.99 17.84
C SER C 30 -37.72 -1.01 18.80
N THR C 31 -37.37 -1.47 20.00
CA THR C 31 -36.71 -0.60 20.98
C THR C 31 -35.32 -0.20 20.50
N ALA C 32 -34.55 -1.17 20.01
CA ALA C 32 -33.21 -0.87 19.51
C ALA C 32 -33.28 0.06 18.30
N LEU C 33 -34.28 -0.15 17.43
CA LEU C 33 -34.42 0.69 16.26
C LEU C 33 -34.89 2.09 16.62
N LYS C 34 -35.78 2.18 17.61
CA LYS C 34 -36.21 3.49 18.11
CA LYS C 34 -36.21 3.49 18.11
C LYS C 34 -35.03 4.27 18.68
N TYR C 35 -34.08 3.57 19.32
CA TYR C 35 -32.93 4.23 19.91
C TYR C 35 -32.02 4.85 18.85
N GLN C 36 -32.01 4.31 17.63
CA GLN C 36 -31.07 4.78 16.62
C GLN C 36 -31.29 6.24 16.27
N HIS C 37 -32.51 6.75 16.44
CA HIS C 37 -32.75 8.18 16.23
C HIS C 37 -31.95 9.02 17.22
N SER C 38 -31.82 8.54 18.45
CA SER C 38 -31.04 9.26 19.46
C SER C 38 -29.55 9.16 19.16
N ALA C 39 -29.09 8.00 18.69
CA ALA C 39 -27.68 7.85 18.36
C ALA C 39 -27.30 8.70 17.16
N LEU C 40 -28.18 8.79 16.17
CA LEU C 40 -27.91 9.65 15.02
C LEU C 40 -27.85 11.12 15.43
N ARG C 41 -28.68 11.50 16.41
CA ARG C 41 -28.62 12.86 16.93
C ARG C 41 -27.26 13.16 17.54
N VAL C 42 -26.69 12.20 18.28
CA VAL C 42 -25.37 12.38 18.86
C VAL C 42 -24.32 12.46 17.76
N ALA C 43 -24.39 11.54 16.78
CA ALA C 43 -23.39 11.51 15.72
C ALA C 43 -23.45 12.77 14.86
N SER C 44 -24.66 13.27 14.58
CA SER C 44 -24.78 14.46 13.76
C SER C 44 -24.30 15.70 14.49
N ALA C 45 -24.69 15.84 15.76
CA ALA C 45 -24.27 17.02 16.53
C ALA C 45 -22.76 17.05 16.71
N THR C 46 -22.15 15.88 16.94
CA THR C 46 -20.70 15.83 17.09
C THR C 46 -20.00 16.14 15.77
N LEU C 47 -20.51 15.61 14.66
CA LEU C 47 -19.99 15.94 13.34
C LEU C 47 -20.01 17.45 13.11
N HIS C 48 -21.13 18.10 13.44
CA HIS C 48 -21.27 19.53 13.19
C HIS C 48 -20.31 20.34 14.06
N ARG C 49 -20.01 19.86 15.27
CA ARG C 49 -19.08 20.59 16.13
C ARG C 49 -17.65 20.45 15.63
N GLN C 50 -17.29 19.27 15.12
CA GLN C 50 -15.94 19.06 14.61
C GLN C 50 -15.75 19.76 13.26
N PHE C 51 -16.79 19.79 12.44
CA PHE C 51 -16.76 20.43 11.12
C PHE C 51 -17.85 21.50 11.09
N PRO C 52 -17.54 22.73 11.48
CA PRO C 52 -18.58 23.78 11.53
C PRO C 52 -19.07 24.19 10.15
N ASP C 53 -18.37 23.84 9.07
CA ASP C 53 -18.85 24.15 7.74
C ASP C 53 -20.10 23.35 7.38
N THR C 54 -20.40 22.29 8.12
CA THR C 54 -21.55 21.46 7.82
C THR C 54 -22.84 22.18 8.23
N SER C 55 -23.96 21.59 7.80
CA SER C 55 -25.28 22.02 8.23
C SER C 55 -26.09 20.79 8.62
N VAL C 56 -26.79 20.88 9.74
CA VAL C 56 -27.71 19.85 10.19
C VAL C 56 -29.06 20.49 10.41
N GLU C 57 -30.07 20.01 9.68
CA GLU C 57 -31.45 20.38 9.93
C GLU C 57 -32.04 19.41 10.93
N TRP C 58 -32.69 19.96 11.96
CA TRP C 58 -33.29 19.15 13.01
C TRP C 58 -34.81 19.15 12.86
N ALA C 59 -35.43 17.97 12.99
CA ALA C 59 -36.86 17.87 13.03
C ALA C 59 -37.38 18.54 14.32
N PRO C 60 -38.66 18.88 14.35
CA PRO C 60 -39.21 19.50 15.57
C PRO C 60 -38.92 18.71 16.84
N ASP C 61 -38.88 17.38 16.76
CA ASP C 61 -38.66 16.53 17.93
C ASP C 61 -37.18 16.38 18.29
N GLY C 62 -36.29 17.14 17.65
CA GLY C 62 -34.87 17.02 17.91
C GLY C 62 -34.16 15.98 17.08
N ASN C 63 -34.87 15.18 16.31
CA ASN C 63 -34.23 14.18 15.46
C ASN C 63 -33.56 14.84 14.27
N VAL C 64 -32.67 14.10 13.63
CA VAL C 64 -31.92 14.60 12.47
C VAL C 64 -32.83 14.57 11.26
N GLN C 65 -33.00 15.73 10.61
CA GLN C 65 -33.80 15.83 9.40
C GLN C 65 -32.97 15.75 8.13
N LYS C 66 -31.78 16.35 8.13
CA LYS C 66 -30.91 16.34 6.97
C LYS C 66 -29.51 16.79 7.38
N VAL C 67 -28.50 16.10 6.86
CA VAL C 67 -27.11 16.45 7.08
C VAL C 67 -26.52 16.92 5.75
N VAL C 68 -25.87 18.08 5.78
CA VAL C 68 -25.30 18.70 4.58
C VAL C 68 -23.80 18.81 4.77
N MET C 69 -23.04 18.11 3.93
CA MET C 69 -21.58 18.17 3.95
C MET C 69 -21.11 18.04 2.51
N ASP C 70 -20.51 19.10 1.97
CA ASP C 70 -20.15 19.12 0.56
C ASP C 70 -19.17 17.99 0.22
N THR C 71 -18.14 17.82 1.04
CA THR C 71 -17.14 16.78 0.84
C THR C 71 -16.94 16.03 2.13
N VAL C 72 -17.20 14.72 2.12
CA VAL C 72 -16.93 13.87 3.27
C VAL C 72 -15.44 13.57 3.29
N PRO C 73 -14.70 14.01 4.30
CA PRO C 73 -13.25 13.90 4.27
C PRO C 73 -12.77 12.53 4.75
N THR C 74 -11.49 12.27 4.49
CA THR C 74 -10.78 11.16 5.10
C THR C 74 -10.25 11.58 6.46
N PHE C 75 -9.93 10.59 7.28
CA PHE C 75 -9.55 10.84 8.67
C PHE C 75 -8.23 10.16 9.00
N THR C 76 -7.28 10.93 9.50
CA THR C 76 -6.06 10.37 10.07
C THR C 76 -6.21 10.04 11.54
N ASP C 77 -6.99 10.83 12.27
CA ASP C 77 -7.31 10.58 13.67
C ASP C 77 -8.80 10.27 13.78
N HIS C 78 -9.13 9.27 14.58
CA HIS C 78 -10.50 8.77 14.67
C HIS C 78 -11.07 8.95 16.08
N ALA C 79 -10.65 10.01 16.78
CA ALA C 79 -11.17 10.25 18.12
C ALA C 79 -12.63 10.65 18.09
N MET C 80 -13.05 11.38 17.05
CA MET C 80 -14.44 11.80 16.91
C MET C 80 -15.38 10.61 16.85
N ILE C 81 -15.09 9.65 15.97
CA ILE C 81 -16.01 8.54 15.78
C ILE C 81 -16.01 7.64 17.00
N ASP C 82 -14.89 7.57 17.73
CA ASP C 82 -14.85 6.80 18.96
C ASP C 82 -15.60 7.51 20.07
N GLU C 83 -15.57 8.85 20.10
CA GLU C 83 -16.37 9.61 21.04
C GLU C 83 -17.86 9.36 20.81
N ILE C 84 -18.28 9.42 19.55
CA ILE C 84 -19.68 9.12 19.22
C ILE C 84 -20.05 7.71 19.66
N ALA C 85 -19.15 6.75 19.42
CA ALA C 85 -19.41 5.38 19.79
C ALA C 85 -19.50 5.22 21.31
N ARG C 86 -18.62 5.90 22.05
CA ARG C 86 -18.63 5.77 23.50
C ARG C 86 -19.81 6.50 24.11
N VAL C 87 -20.23 7.62 23.53
CA VAL C 87 -21.38 8.36 24.04
C VAL C 87 -22.66 7.62 23.73
N SER C 88 -22.79 7.12 22.50
CA SER C 88 -23.97 6.35 22.12
C SER C 88 -23.99 4.97 22.74
N GLY C 89 -22.84 4.43 23.12
CA GLY C 89 -22.78 3.08 23.61
C GLY C 89 -22.93 2.03 22.54
N GLN C 90 -22.78 2.40 21.27
CA GLN C 90 -22.89 1.47 20.16
C GLN C 90 -21.93 1.87 19.04
N GLN C 91 -22.25 1.52 17.80
CA GLN C 91 -21.35 1.71 16.68
C GLN C 91 -21.73 2.95 15.86
N ALA C 92 -20.77 3.44 15.09
CA ALA C 92 -20.98 4.63 14.26
C ALA C 92 -19.97 4.64 13.12
N THR C 93 -20.37 5.23 12.00
CA THR C 93 -19.54 5.27 10.81
C THR C 93 -19.93 6.48 9.96
N LEU C 94 -18.94 7.05 9.28
CA LEU C 94 -19.14 8.09 8.28
C LEU C 94 -18.63 7.59 6.94
N PHE C 95 -19.52 7.48 5.97
CA PHE C 95 -19.16 7.06 4.62
C PHE C 95 -18.93 8.25 3.71
N ALA C 96 -18.14 8.01 2.66
CA ALA C 96 -17.97 8.95 1.56
C ALA C 96 -18.28 8.25 0.25
N PHE C 97 -19.03 8.92 -0.62
CA PHE C 97 -19.42 8.30 -1.89
C PHE C 97 -18.25 8.26 -2.84
N ASP C 98 -18.09 7.12 -3.52
CA ASP C 98 -17.03 6.93 -4.51
C ASP C 98 -17.70 6.75 -5.87
N PRO C 99 -17.61 7.74 -6.76
CA PRO C 99 -18.33 7.62 -8.04
C PRO C 99 -17.78 6.54 -8.96
N ALA C 100 -16.48 6.26 -8.91
CA ALA C 100 -15.93 5.20 -9.76
C ALA C 100 -16.49 3.84 -9.39
N GLN C 101 -16.60 3.56 -8.10
CA GLN C 101 -17.11 2.28 -7.62
C GLN C 101 -18.63 2.24 -7.53
N ASP C 102 -19.29 3.40 -7.59
CA ASP C 102 -20.73 3.52 -7.30
C ASP C 102 -21.04 2.84 -5.97
N ASP C 103 -20.25 3.20 -4.96
CA ASP C 103 -20.33 2.59 -3.64
C ASP C 103 -19.84 3.62 -2.63
N PHE C 104 -19.93 3.27 -1.35
CA PHE C 104 -19.58 4.19 -0.28
C PHE C 104 -18.46 3.59 0.57
N ILE C 105 -17.47 4.43 0.87
CA ILE C 105 -16.25 4.02 1.57
C ILE C 105 -16.37 4.43 3.02
N ARG C 106 -15.95 3.56 3.94
CA ARG C 106 -15.86 3.93 5.35
C ARG C 106 -14.60 4.76 5.55
N THR C 107 -14.75 6.05 5.75
CA THR C 107 -13.62 6.94 6.00
C THR C 107 -13.25 7.03 7.47
N THR C 108 -14.23 6.89 8.36
CA THR C 108 -13.95 6.80 9.79
C THR C 108 -15.06 5.97 10.42
N THR C 109 -14.69 5.09 11.34
CA THR C 109 -15.65 4.15 11.91
C THR C 109 -15.09 3.55 13.19
N SER C 110 -15.99 3.14 14.07
CA SER C 110 -15.63 2.41 15.27
C SER C 110 -15.63 0.90 15.05
N ILE C 111 -16.13 0.43 13.91
CA ILE C 111 -16.19 -0.99 13.61
C ILE C 111 -14.79 -1.49 13.34
N THR C 112 -14.45 -2.65 13.91
CA THR C 112 -13.15 -3.26 13.72
C THR C 112 -13.27 -4.52 12.88
N LYS C 113 -12.20 -4.81 12.13
CA LYS C 113 -12.11 -6.03 11.35
C LYS C 113 -11.72 -7.19 12.26
N PRO C 114 -11.84 -8.44 11.79
CA PRO C 114 -11.49 -9.59 12.65
C PRO C 114 -10.09 -9.52 13.25
N ASP C 115 -9.13 -8.87 12.60
N ASP C 115 -9.16 -8.85 12.59
CA ASP C 115 -7.80 -8.79 13.18
CA ASP C 115 -7.80 -8.72 13.12
C ASP C 115 -7.67 -7.65 14.19
C ASP C 115 -7.76 -7.79 14.33
N GLY C 116 -8.74 -6.89 14.45
CA GLY C 116 -8.72 -5.84 15.45
C GLY C 116 -8.44 -4.47 14.90
N SER C 117 -8.12 -4.35 13.61
N SER C 117 -8.14 -4.34 13.61
CA SER C 117 -7.87 -3.06 13.00
CA SER C 117 -7.84 -3.06 13.01
C SER C 117 -9.17 -2.38 12.61
C SER C 117 -9.12 -2.40 12.50
N ARG C 118 -9.10 -1.07 12.42
N ARG C 118 -9.08 -1.08 12.41
CA ARG C 118 -10.29 -0.31 12.07
CA ARG C 118 -10.25 -0.31 12.02
C ARG C 118 -10.73 -0.64 10.65
C ARG C 118 -10.73 -0.71 10.64
N ALA C 119 -12.05 -0.78 10.47
CA ALA C 119 -12.63 -1.15 9.18
C ALA C 119 -12.70 0.04 8.23
N VAL C 120 -11.71 0.93 8.30
CA VAL C 120 -11.63 2.05 7.37
C VAL C 120 -11.16 1.52 6.02
N GLY C 121 -11.81 2.01 4.95
CA GLY C 121 -11.48 1.58 3.61
C GLY C 121 -12.31 0.45 3.08
N THR C 122 -13.23 -0.09 3.87
CA THR C 122 -14.16 -1.10 3.39
C THR C 122 -15.41 -0.42 2.83
N ASN C 123 -16.17 -1.19 2.05
CA ASN C 123 -17.31 -0.68 1.29
C ASN C 123 -18.63 -1.03 1.98
N LEU C 124 -19.62 -0.18 1.76
CA LEU C 124 -20.98 -0.53 2.12
C LEU C 124 -21.46 -1.74 1.33
N GLY C 125 -21.21 -1.74 0.02
CA GLY C 125 -21.65 -2.82 -0.84
C GLY C 125 -23.02 -2.55 -1.43
N GLN C 126 -23.17 -2.79 -2.74
CA GLN C 126 -24.44 -2.58 -3.40
C GLN C 126 -25.50 -3.59 -2.96
N ASP C 127 -25.11 -4.64 -2.23
CA ASP C 127 -26.03 -5.64 -1.72
C ASP C 127 -26.53 -5.32 -0.32
N SER C 128 -26.04 -4.24 0.30
CA SER C 128 -26.52 -3.84 1.61
C SER C 128 -27.93 -3.28 1.50
N LYS C 129 -28.76 -3.57 2.52
CA LYS C 129 -30.13 -3.09 2.51
C LYS C 129 -30.23 -1.58 2.58
N ALA C 130 -29.14 -0.90 2.94
CA ALA C 130 -29.15 0.56 3.00
C ALA C 130 -28.81 1.19 1.66
N PHE C 131 -28.27 0.42 0.71
CA PHE C 131 -27.73 1.01 -0.52
C PHE C 131 -28.83 1.72 -1.32
N ALA C 132 -29.84 0.97 -1.77
CA ALA C 132 -30.89 1.56 -2.59
C ALA C 132 -31.64 2.70 -1.89
N PRO C 133 -32.03 2.61 -0.61
CA PRO C 133 -32.68 3.77 0.02
C PRO C 133 -31.77 5.00 0.04
N ILE C 134 -30.47 4.80 0.24
CA ILE C 134 -29.56 5.92 0.34
C ILE C 134 -29.35 6.56 -1.03
N LYS C 135 -29.26 5.73 -2.07
CA LYS C 135 -29.20 6.26 -3.43
C LYS C 135 -30.41 7.10 -3.77
N ALA C 136 -31.58 6.74 -3.23
CA ALA C 136 -32.80 7.51 -3.45
C ALA C 136 -32.92 8.70 -2.51
N GLY C 137 -31.90 8.99 -1.71
CA GLY C 137 -31.97 10.09 -0.77
C GLY C 137 -32.78 9.81 0.47
N LYS C 138 -33.02 8.55 0.79
CA LYS C 138 -33.83 8.16 1.94
C LYS C 138 -32.96 7.57 3.05
N THR C 139 -33.45 7.69 4.28
CA THR C 139 -32.81 7.09 5.43
C THR C 139 -33.27 5.65 5.58
N TYR C 140 -32.33 4.73 5.80
CA TYR C 140 -32.66 3.34 6.07
C TYR C 140 -32.63 3.08 7.57
N LEU C 141 -33.70 2.49 8.08
CA LEU C 141 -33.81 2.13 9.49
C LEU C 141 -34.26 0.68 9.54
N GLY C 142 -33.37 -0.22 9.92
CA GLY C 142 -33.72 -1.63 9.97
C GLY C 142 -32.49 -2.49 10.23
N LYS C 143 -32.67 -3.78 9.98
CA LYS C 143 -31.59 -4.74 10.12
C LYS C 143 -30.67 -4.68 8.90
N ALA C 144 -29.37 -4.78 9.14
CA ALA C 144 -28.39 -4.79 8.07
C ALA C 144 -27.18 -5.60 8.48
N ASP C 145 -26.46 -6.10 7.49
CA ASP C 145 -25.25 -6.89 7.70
C ASP C 145 -24.03 -5.99 7.52
N ILE C 146 -23.09 -6.08 8.47
CA ILE C 146 -21.87 -5.27 8.46
C ILE C 146 -20.69 -6.22 8.67
N LEU C 147 -19.95 -6.49 7.60
CA LEU C 147 -18.80 -7.39 7.63
C LEU C 147 -19.17 -8.75 8.22
N GLY C 148 -20.29 -9.30 7.77
CA GLY C 148 -20.73 -10.61 8.20
C GLY C 148 -21.45 -10.65 9.52
N THR C 149 -21.60 -9.53 10.20
CA THR C 149 -22.31 -9.46 11.48
C THR C 149 -23.58 -8.64 11.28
N SER C 150 -24.70 -9.16 11.76
CA SER C 150 -25.98 -8.48 11.63
C SER C 150 -26.14 -7.44 12.73
N TYR C 151 -26.83 -6.35 12.39
CA TYR C 151 -26.95 -5.17 13.24
C TYR C 151 -28.36 -4.62 13.17
N TYR C 152 -28.71 -3.81 14.17
CA TYR C 152 -29.83 -2.89 14.08
C TYR C 152 -29.26 -1.51 13.76
N THR C 153 -29.62 -0.97 12.60
CA THR C 153 -28.91 0.18 12.05
C THR C 153 -29.85 1.31 11.70
N ILE C 154 -29.28 2.51 11.64
CA ILE C 154 -29.84 3.64 10.90
C ILE C 154 -28.75 4.16 9.97
N TYR C 155 -29.11 4.38 8.71
CA TYR C 155 -28.21 4.90 7.70
C TYR C 155 -28.83 6.19 7.15
N ALA C 156 -28.19 7.32 7.42
CA ALA C 156 -28.75 8.58 6.95
C ALA C 156 -27.91 9.15 5.82
N PRO C 157 -28.54 9.63 4.75
CA PRO C 157 -27.77 10.19 3.63
C PRO C 157 -27.17 11.55 3.98
N VAL C 158 -25.95 11.77 3.51
CA VAL C 158 -25.27 13.05 3.65
C VAL C 158 -25.27 13.73 2.28
N PHE C 159 -25.76 14.96 2.24
CA PHE C 159 -25.92 15.69 1.00
C PHE C 159 -24.92 16.83 0.91
N ASN C 160 -24.74 17.34 -0.31
CA ASN C 160 -24.11 18.63 -0.52
C ASN C 160 -25.19 19.69 -0.69
N THR C 161 -24.77 20.95 -0.81
CA THR C 161 -25.73 22.04 -0.89
C THR C 161 -26.58 22.00 -2.16
N ARG C 162 -26.18 21.21 -3.16
CA ARG C 162 -26.96 21.08 -4.38
C ARG C 162 -27.97 19.94 -4.32
N GLY C 163 -27.95 19.13 -3.26
CA GLY C 163 -28.88 18.03 -3.11
C GLY C 163 -28.34 16.67 -3.51
N ASP C 164 -27.07 16.58 -3.92
CA ASP C 164 -26.50 15.30 -4.31
C ASP C 164 -26.06 14.52 -3.07
N VAL C 165 -26.22 13.21 -3.12
CA VAL C 165 -25.79 12.33 -2.03
C VAL C 165 -24.28 12.18 -2.11
N THR C 166 -23.57 12.63 -1.08
CA THR C 166 -22.12 12.58 -1.06
C THR C 166 -21.56 11.66 0.02
N GLY C 167 -22.39 11.14 0.90
CA GLY C 167 -21.89 10.29 1.97
C GLY C 167 -23.03 9.72 2.79
N ILE C 168 -22.64 9.06 3.88
CA ILE C 168 -23.58 8.37 4.76
C ILE C 168 -23.14 8.60 6.20
N LEU C 169 -24.10 8.87 7.08
CA LEU C 169 -23.87 8.87 8.51
C LEU C 169 -24.63 7.70 9.13
N PHE C 170 -23.89 6.82 9.81
CA PHE C 170 -24.45 5.57 10.32
C PHE C 170 -24.26 5.47 11.82
N SER C 171 -25.23 4.81 12.46
CA SER C 171 -25.09 4.34 13.83
C SER C 171 -25.88 3.06 13.97
N GLY C 172 -25.37 2.13 14.77
CA GLY C 172 -26.04 0.85 14.90
C GLY C 172 -25.50 0.04 16.06
N VAL C 173 -26.20 -1.04 16.36
CA VAL C 173 -25.82 -1.95 17.44
C VAL C 173 -25.99 -3.39 16.96
N LYS C 174 -25.12 -4.25 17.47
CA LYS C 174 -25.18 -5.67 17.14
C LYS C 174 -26.50 -6.27 17.59
N THR C 175 -27.13 -7.05 16.70
CA THR C 175 -28.42 -7.65 17.05
C THR C 175 -28.27 -8.69 18.16
N ALA C 176 -27.08 -9.26 18.32
CA ALA C 176 -26.85 -10.24 19.38
C ALA C 176 -26.69 -9.58 20.73
N THR C 177 -26.14 -8.37 20.78
CA THR C 177 -26.05 -7.65 22.05
C THR C 177 -27.43 -7.35 22.59
N VAL C 178 -28.38 -7.04 21.71
CA VAL C 178 -29.76 -6.82 22.11
C VAL C 178 -30.43 -8.15 22.43
#